data_2KKK
#
_entry.id   2KKK
#
_entity_poly.entity_id   1
_entity_poly.type   'polydeoxyribonucleotide'
_entity_poly.pdbx_seq_one_letter_code
;(MCY)(DC)(DT)(DC)(DT)(DC)(DT)(DC)(DC)
;
_entity_poly.pdbx_strand_id   A,B,C,D
#
loop_
_chem_comp.id
_chem_comp.type
_chem_comp.name
_chem_comp.formula
DC DNA linking 2'-DEOXYCYTIDINE-5'-MONOPHOSPHATE 'C9 H14 N3 O7 P'
DT DNA linking THYMIDINE-5'-MONOPHOSPHATE 'C10 H15 N2 O8 P'
MCY DNA linking 5-METHYL-2'-DEOXYCYTIDINE 'C10 H15 N3 O4'
#
# COMPACT_ATOMS: atom_id res chain seq x y z
N1 MCY A 1 6.71 15.58 -14.69
C2 MCY A 1 7.92 14.92 -14.71
N3 MCY A 1 8.87 15.33 -13.82
C4 MCY A 1 8.64 16.33 -12.96
C5 MCY A 1 7.44 16.96 -12.95
C6 MCY A 1 6.48 16.59 -13.80
O2 MCY A 1 8.13 14.01 -15.50
N4 MCY A 1 9.59 16.68 -12.09
C1' MCY A 1 5.65 15.10 -15.60
C2' MCY A 1 4.89 13.95 -14.96
C3' MCY A 1 3.52 14.49 -14.63
C4' MCY A 1 3.40 15.80 -15.38
O4' MCY A 1 4.71 16.15 -15.89
O3' MCY A 1 2.50 13.56 -15.04
C5' MCY A 1 2.86 16.90 -14.46
O5' MCY A 1 1.50 16.66 -14.10
C5A MCY A 1 7.19 18.11 -11.97
H6 MCY A 1 5.52 17.10 -13.81
HN41 MCY A 1 9.42 17.41 -11.42
HN42 MCY A 1 10.48 16.20 -12.09
H1' MCY A 1 6.11 14.77 -16.53
H2' MCY A 1 5.39 13.63 -14.05
H2'' MCY A 1 4.81 13.12 -15.67
H3' MCY A 1 3.45 14.66 -13.56
H4' MCY A 1 2.72 15.67 -16.22
H5' MCY A 1 3.48 16.95 -13.57
H5'' MCY A 1 2.92 17.86 -15.00
HO5' MCY A 1 1.33 15.73 -14.25
H5A1 MCY A 1 6.32 18.68 -12.29
H5A2 MCY A 1 8.07 18.76 -11.95
H5A3 MCY A 1 7.02 17.70 -10.97
N1 MCY B 1 -12.68 -14.99 10.86
C2 MCY B 1 -12.12 -14.51 12.02
N3 MCY B 1 -10.99 -15.11 12.48
C4 MCY B 1 -10.44 -16.15 11.82
C5 MCY B 1 -11.01 -16.63 10.69
C6 MCY B 1 -12.13 -16.05 10.21
O2 MCY B 1 -12.62 -13.55 12.61
N4 MCY B 1 -9.32 -16.70 12.27
C1' MCY B 1 -13.87 -14.30 10.33
C2' MCY B 1 -13.45 -13.12 9.46
C3' MCY B 1 -13.79 -13.51 8.04
C4' MCY B 1 -14.69 -14.73 8.14
O4' MCY B 1 -14.66 -15.20 9.51
O3' MCY B 1 -14.44 -12.43 7.36
C5' MCY B 1 -14.23 -15.83 7.19
O5' MCY B 1 -14.38 -15.42 5.82
C5A MCY B 1 -10.39 -17.82 9.97
H6 MCY B 1 -12.58 -16.44 9.30
HN41 MCY B 1 -8.88 -17.46 11.78
HN42 MCY B 1 -8.90 -16.34 13.12
H1' MCY B 1 -14.48 -13.94 11.16
H2' MCY B 1 -12.37 -12.95 9.56
H2'' MCY B 1 -14.00 -12.23 9.75
H3' MCY B 1 -12.87 -13.78 7.51
H4' MCY B 1 -15.71 -14.44 7.89
H5' MCY B 1 -13.19 -16.05 7.37
H5'' MCY B 1 -14.83 -16.72 7.36
HO5' MCY B 1 -14.47 -14.47 5.82
H5A1 MCY B 1 -11.12 -18.23 9.26
H5A2 MCY B 1 -10.12 -18.59 10.69
H5A3 MCY B 1 -9.50 -17.49 9.43
N1 MCY C 1 13.16 13.85 -11.76
C2 MCY C 1 12.07 14.67 -11.89
N3 MCY C 1 11.27 14.51 -12.97
C4 MCY C 1 11.55 13.56 -13.90
C5 MCY C 1 12.63 12.77 -13.77
C6 MCY C 1 13.44 12.92 -12.71
O2 MCY C 1 11.82 15.52 -11.03
N4 MCY C 1 10.72 13.40 -14.94
C1' MCY C 1 14.00 14.00 -10.55
C2' MCY C 1 13.42 13.17 -9.42
C3' MCY C 1 14.38 12.02 -9.20
C4' MCY C 1 15.64 12.39 -9.96
O4' MCY C 1 15.35 13.53 -10.80
O3' MCY C 1 14.64 11.85 -7.81
C5' MCY C 1 16.13 11.21 -10.81
O5' MCY C 1 16.60 10.14 -9.99
C5A MCY C 1 12.95 11.72 -14.83
H6 MCY C 1 14.31 12.28 -12.60
HN41 MCY C 1 10.91 12.69 -15.62
HN42 MCY C 1 9.90 13.99 -15.02
H1' MCY C 1 14.03 15.05 -10.26
H2' MCY C 1 12.43 12.79 -9.70
H2'' MCY C 1 13.34 13.78 -8.51
H3' MCY C 1 13.95 11.11 -9.62
H4' MCY C 1 16.42 12.66 -9.25
H5' MCY C 1 15.31 10.86 -11.43
H5'' MCY C 1 16.94 11.56 -11.46
HO5' MCY C 1 16.23 10.27 -9.12
H5A1 MCY C 1 13.97 11.38 -14.72
H5A2 MCY C 1 12.80 12.15 -15.82
H5A3 MCY C 1 12.27 10.87 -14.71
N1 MCY D 1 -7.19 -14.43 15.63
C2 MCY D 1 -7.86 -15.08 14.62
N3 MCY D 1 -9.14 -14.70 14.36
C4 MCY D 1 -9.74 -13.73 15.07
C5 MCY D 1 -9.07 -13.09 16.06
C6 MCY D 1 -7.80 -13.45 16.34
O2 MCY D 1 -7.30 -15.96 13.97
N4 MCY D 1 -10.98 -13.36 14.77
C1' MCY D 1 -5.78 -14.79 15.87
C2' MCY D 1 -4.88 -13.99 14.93
C3' MCY D 1 -4.12 -13.01 15.79
C4' MCY D 1 -4.35 -13.47 17.23
O4' MCY D 1 -5.38 -14.48 17.22
O3' MCY D 1 -2.73 -13.00 15.47
C5' MCY D 1 -4.76 -12.29 18.12
O5' MCY D 1 -3.68 -11.37 18.28
C5A MCY D 1 -9.75 -12.00 16.87
H6 MCY D 1 -7.26 -12.94 17.14
HN41 MCY D 1 -11.43 -12.62 15.28
HN42 MCY D 1 -11.48 -13.83 14.02
H1' MCY D 1 -5.65 -15.85 15.68
H2' MCY D 1 -5.47 -13.47 14.18
H2'' MCY D 1 -4.17 -14.67 14.44
H3' MCY D 1 -4.55 -12.02 15.65
H4' MCY D 1 -3.43 -13.90 17.62
H5' MCY D 1 -5.60 -11.78 17.66
H5'' MCY D 1 -5.05 -12.67 19.10
HO5' MCY D 1 -3.06 -11.53 17.58
H5A1 MCY D 1 -9.19 -11.81 17.78
H5A2 MCY D 1 -10.77 -12.32 17.13
H5A3 MCY D 1 -9.80 -11.08 16.28
N1 MCY A 1 6.55 15.32 -14.53
C2 MCY A 1 7.81 14.74 -14.60
N3 MCY A 1 8.74 15.17 -13.70
C4 MCY A 1 8.45 16.12 -12.79
C5 MCY A 1 7.22 16.67 -12.74
C6 MCY A 1 6.28 16.28 -13.62
O2 MCY A 1 8.06 13.88 -15.43
N4 MCY A 1 9.39 16.48 -11.91
C1' MCY A 1 5.52 14.83 -15.47
C2' MCY A 1 4.78 13.65 -14.84
C3' MCY A 1 3.40 14.15 -14.50
C4' MCY A 1 3.23 15.44 -15.29
O4' MCY A 1 4.54 15.85 -15.75
O3' MCY A 1 2.39 13.19 -14.85
C5' MCY A 1 2.59 16.53 -14.42
O5' MCY A 1 1.44 16.03 -13.73
C5A MCY A 1 6.89 17.75 -11.71
H6 MCY A 1 5.29 16.72 -13.58
HN41 MCY A 1 9.18 17.18 -11.21
HN42 MCY A 1 10.30 16.06 -11.94
H1' MCY A 1 5.98 14.50 -16.40
H2' MCY A 1 5.30 13.32 -13.93
H2'' MCY A 1 4.71 12.82 -15.55
H3' MCY A 1 3.35 14.36 -13.43
H4' MCY A 1 2.59 15.26 -16.15
H5' MCY A 1 3.32 16.87 -13.69
H5'' MCY A 1 2.30 17.37 -15.05
HO5' MCY A 1 1.43 15.08 -13.85
H5A1 MCY A 1 7.29 18.71 -12.05
H5A2 MCY A 1 7.36 17.49 -10.76
H5A3 MCY A 1 5.81 17.82 -11.58
N1 MCY B 1 -12.53 -14.78 10.67
C2 MCY B 1 -12.01 -14.37 11.87
N3 MCY B 1 -10.88 -14.99 12.31
C4 MCY B 1 -10.29 -15.97 11.58
C5 MCY B 1 -10.83 -16.35 10.40
C6 MCY B 1 -11.94 -15.76 9.95
O2 MCY B 1 -12.55 -13.47 12.53
N4 MCY B 1 -9.18 -16.53 12.02
C1' MCY B 1 -13.74 -14.06 10.16
C2' MCY B 1 -13.31 -12.85 9.34
C3' MCY B 1 -13.62 -13.19 7.91
C4' MCY B 1 -14.56 -14.39 7.96
O4' MCY B 1 -14.51 -14.93 9.30
O3' MCY B 1 -14.22 -12.08 7.23
C5' MCY B 1 -14.16 -15.44 6.93
O5' MCY B 1 -13.95 -14.86 5.65
C5A MCY B 1 -10.16 -17.46 9.58
H6 MCY B 1 -12.37 -16.07 9.00
HN41 MCY B 1 -8.72 -17.26 11.48
HN42 MCY B 1 -8.77 -16.24 12.91
H1' MCY B 1 -14.34 -13.74 11.00
H2' MCY B 1 -12.23 -12.67 9.47
H2'' MCY B 1 -13.88 -11.98 9.66
H3' MCY B 1 -12.70 -13.48 7.40
H4' MCY B 1 -15.58 -14.05 7.75
H5' MCY B 1 -13.23 -15.92 7.25
H5'' MCY B 1 -14.95 -16.20 6.86
HO5' MCY B 1 -13.93 -13.91 5.77
H5A1 MCY B 1 -10.45 -18.43 10.00
H5A2 MCY B 1 -9.09 -17.35 9.62
H5A3 MCY B 1 -10.50 -17.40 8.55
N1 MCY C 1 13.00 13.66 -11.56
C2 MCY C 1 11.95 14.52 -11.76
N3 MCY C 1 11.16 14.32 -12.85
C4 MCY C 1 11.41 13.31 -13.70
C5 MCY C 1 12.45 12.48 -13.51
C6 MCY C 1 13.25 12.66 -12.44
O2 MCY C 1 11.72 15.43 -10.97
N4 MCY C 1 10.60 13.12 -14.75
C1' MCY C 1 13.83 13.84 -10.36
C2' MCY C 1 13.24 13.05 -9.20
C3' MCY C 1 14.17 11.89 -8.95
C4' MCY C 1 15.46 12.25 -9.68
O4' MCY C 1 15.18 13.35 -10.57
O3' MCY C 1 14.41 11.70 -7.55
C5' MCY C 1 16.00 11.04 -10.45
O5' MCY C 1 16.03 9.88 -9.63
C5A MCY C 1 12.73 11.34 -14.48
H6 MCY C 1 14.09 11.98 -12.28
HN41 MCY C 1 10.76 12.36 -15.39
HN42 MCY C 1 9.82 13.73 -14.89
H1' MCY C 1 13.87 14.90 -10.10
H2' MCY C 1 12.24 12.69 -9.46
H2'' MCY C 1 13.19 13.68 -8.30
H3' MCY C 1 13.75 11.00 -9.39
H4' MCY C 1 16.21 12.56 -8.95
H5' MCY C 1 15.36 10.85 -11.31
H5'' MCY C 1 17.02 11.26 -10.80
HO5' MCY C 1 15.53 10.07 -8.83
H5A1 MCY C 1 13.25 11.73 -15.36
H5A2 MCY C 1 11.79 10.88 -14.80
H5A3 MCY C 1 13.35 10.59 -14.00
N1 MCY D 1 -7.01 -14.25 15.39
C2 MCY D 1 -7.72 -14.92 14.43
N3 MCY D 1 -8.99 -14.51 14.18
C4 MCY D 1 -9.53 -13.48 14.85
C5 MCY D 1 -8.83 -12.84 15.80
C6 MCY D 1 -7.57 -13.21 16.06
O2 MCY D 1 -7.22 -15.86 13.80
N4 MCY D 1 -10.78 -13.09 14.57
C1' MCY D 1 -5.61 -14.64 15.62
C2' MCY D 1 -4.68 -13.89 14.68
C3' MCY D 1 -3.92 -12.91 15.53
C4' MCY D 1 -4.12 -13.39 16.96
O4' MCY D 1 -5.20 -14.34 16.98
O3' MCY D 1 -2.53 -12.88 15.17
C5' MCY D 1 -4.41 -12.21 17.90
O5' MCY D 1 -3.47 -11.15 17.70
C5A MCY D 1 -9.44 -11.67 16.57
H6 MCY D 1 -6.99 -12.70 16.83
HN41 MCY D 1 -11.20 -12.31 15.06
HN42 MCY D 1 -11.31 -13.58 13.86
H1' MCY D 1 -5.51 -15.71 15.44
H2' MCY D 1 -5.28 -13.35 13.93
H2'' MCY D 1 -4.00 -14.58 14.19
H3' MCY D 1 -4.35 -11.92 15.42
H4' MCY D 1 -3.21 -13.89 17.30
H5' MCY D 1 -5.42 -11.85 17.70
H5'' MCY D 1 -4.34 -12.55 18.93
HO5' MCY D 1 -2.99 -11.35 16.89
H5A1 MCY D 1 -10.09 -12.06 17.36
H5A2 MCY D 1 -10.03 -11.05 15.88
H5A3 MCY D 1 -8.65 -11.05 17.01
N1 MCY A 1 6.45 15.12 -14.37
C2 MCY A 1 7.69 14.52 -14.42
N3 MCY A 1 8.63 14.97 -13.54
C4 MCY A 1 8.36 15.93 -12.66
C5 MCY A 1 7.14 16.51 -12.62
C6 MCY A 1 6.19 16.11 -13.47
O2 MCY A 1 7.92 13.63 -15.24
N4 MCY A 1 9.31 16.33 -11.79
C1' MCY A 1 5.40 14.63 -15.29
C2' MCY A 1 4.70 13.42 -14.68
C3' MCY A 1 3.35 13.90 -14.24
C4' MCY A 1 3.14 15.23 -14.95
O4' MCY A 1 4.40 15.64 -15.52
O3' MCY A 1 2.32 12.96 -14.57
C5' MCY A 1 2.61 16.30 -13.97
O5' MCY A 1 2.96 15.99 -12.62
C5A MCY A 1 6.85 17.63 -11.62
H6 MCY A 1 5.20 16.57 -13.43
HN41 MCY A 1 9.10 17.04 -11.12
HN42 MCY A 1 10.21 15.89 -11.82
H1' MCY A 1 5.86 14.34 -16.23
H2' MCY A 1 5.27 13.05 -13.83
H2'' MCY A 1 4.60 12.64 -15.43
H3' MCY A 1 3.37 14.07 -13.17
H4' MCY A 1 2.41 15.09 -15.74
H5' MCY A 1 3.03 17.26 -14.24
H5'' MCY A 1 1.53 16.34 -14.06
HO5' MCY A 1 2.48 15.20 -12.38
H5A1 MCY A 1 7.16 17.31 -10.62
H5A2 MCY A 1 5.79 17.84 -11.61
H5A3 MCY A 1 7.41 18.52 -11.90
N1 MCY B 1 -12.40 -14.56 10.51
C2 MCY B 1 -11.87 -14.13 11.71
N3 MCY B 1 -10.76 -14.76 12.17
C4 MCY B 1 -10.18 -15.76 11.48
C5 MCY B 1 -10.70 -16.16 10.30
C6 MCY B 1 -11.81 -15.57 9.83
O2 MCY B 1 -12.40 -13.23 12.34
N4 MCY B 1 -9.07 -16.33 11.94
C1' MCY B 1 -13.58 -13.85 9.99
C2' MCY B 1 -13.15 -12.64 9.20
C3' MCY B 1 -13.38 -12.96 7.75
C4' MCY B 1 -14.29 -14.20 7.75
O4' MCY B 1 -14.34 -14.71 9.10
O3' MCY B 1 -13.98 -11.88 7.05
C5' MCY B 1 -13.76 -15.26 6.79
O5' MCY B 1 -12.36 -15.12 6.54
C5A MCY B 1 -10.05 -17.31 9.52
H6 MCY B 1 -12.23 -15.90 8.88
HN41 MCY B 1 -8.63 -17.07 11.42
HN42 MCY B 1 -8.69 -16.03 12.82
H1' MCY B 1 -14.23 -13.56 10.82
H2' MCY B 1 -12.10 -12.42 9.38
H2'' MCY B 1 -13.77 -11.77 9.48
H3' MCY B 1 -12.43 -13.23 7.30
H4' MCY B 1 -15.29 -13.91 7.45
H5' MCY B 1 -13.95 -16.25 7.20
H5'' MCY B 1 -14.29 -15.17 5.83
HO5' MCY B 1 -12.24 -14.29 6.08
H5A1 MCY B 1 -8.98 -17.10 9.42
H5A2 MCY B 1 -10.51 -17.39 8.54
H5A3 MCY B 1 -10.19 -18.25 10.06
N1 MCY C 1 12.85 13.46 -11.39
C2 MCY C 1 11.80 14.34 -11.58
N3 MCY C 1 11.02 14.15 -12.67
C4 MCY C 1 11.27 13.16 -13.55
C5 MCY C 1 12.31 12.33 -13.37
C6 MCY C 1 13.09 12.48 -12.29
O2 MCY C 1 11.57 15.24 -10.76
N4 MCY C 1 10.47 13.01 -14.61
C1' MCY C 1 13.68 13.63 -10.18
C2' MCY C 1 13.06 12.86 -9.02
C3' MCY C 1 13.95 11.66 -8.80
C4' MCY C 1 15.23 11.95 -9.57
O4' MCY C 1 15.01 13.12 -10.39
O3' MCY C 1 14.19 11.43 -7.41
C5' MCY C 1 15.64 10.75 -10.42
O5' MCY C 1 14.54 9.91 -10.73
C5A MCY C 1 12.59 11.20 -14.37
H6 MCY C 1 13.94 11.80 -12.13
HN41 MCY C 1 10.64 12.26 -15.26
HN42 MCY C 1 9.69 13.63 -14.75
H1' MCY C 1 13.74 14.69 -9.93
H2' MCY C 1 12.05 12.56 -9.27
H2'' MCY C 1 13.06 13.48 -8.12
H3' MCY C 1 13.46 10.79 -9.24
H4' MCY C 1 16.02 12.17 -8.85
H5' MCY C 1 16.10 11.11 -11.35
H5'' MCY C 1 16.39 10.17 -9.88
HO5' MCY C 1 14.24 9.52 -9.92
H5A1 MCY C 1 11.68 10.63 -14.54
H5A2 MCY C 1 13.36 10.55 -13.98
H5A3 MCY C 1 12.93 11.65 -15.31
N1 MCY D 1 -6.91 -14.04 15.21
C2 MCY D 1 -7.61 -14.73 14.24
N3 MCY D 1 -8.89 -14.34 14.02
C4 MCY D 1 -9.46 -13.33 14.70
C5 MCY D 1 -8.76 -12.67 15.65
C6 MCY D 1 -7.49 -13.02 15.90
O2 MCY D 1 -7.08 -15.65 13.63
N4 MCY D 1 -10.71 -12.97 14.43
C1' MCY D 1 -5.49 -14.41 15.44
C2' MCY D 1 -4.60 -13.67 14.47
C3' MCY D 1 -3.88 -12.62 15.28
C4' MCY D 1 -4.07 -13.02 16.73
O4' MCY D 1 -5.07 -14.06 16.78
O3' MCY D 1 -2.48 -12.56 14.94
C5' MCY D 1 -4.50 -11.82 17.58
O5' MCY D 1 -5.12 -10.81 16.79
C5A MCY D 1 -9.42 -11.53 16.42
H6 MCY D 1 -6.92 -12.48 16.66
HN41 MCY D 1 -11.14 -12.21 14.92
HN42 MCY D 1 -11.23 -13.47 13.72
H1' MCY D 1 -5.39 -15.49 15.29
H2' MCY D 1 -5.19 -13.20 13.69
H2'' MCY D 1 -3.87 -14.36 14.03
H3' MCY D 1 -4.35 -11.66 15.10
H4' MCY D 1 -3.14 -13.42 17.12
H5' MCY D 1 -5.20 -12.16 18.35
H5'' MCY D 1 -3.62 -11.40 18.07
HO5' MCY D 1 -4.43 -10.45 16.21
H5A1 MCY D 1 -9.88 -10.84 15.73
H5A2 MCY D 1 -8.66 -11.01 17.00
H5A3 MCY D 1 -10.18 -11.94 17.09
N1 MCY A 1 6.00 14.89 -13.38
C2 MCY A 1 7.19 14.22 -13.60
N3 MCY A 1 8.25 14.52 -12.80
C4 MCY A 1 8.14 15.45 -11.82
C5 MCY A 1 6.97 16.11 -11.63
C6 MCY A 1 5.90 15.82 -12.40
O2 MCY A 1 7.27 13.37 -14.48
N4 MCY A 1 9.18 15.71 -11.05
C1' MCY A 1 4.83 14.52 -14.20
C2' MCY A 1 4.11 13.33 -13.58
C3' MCY A 1 2.81 13.86 -13.06
C4' MCY A 1 2.62 15.22 -13.71
O4' MCY A 1 3.89 15.61 -14.28
O3' MCY A 1 1.71 12.98 -13.38
C5' MCY A 1 2.13 16.25 -12.69
O5' MCY A 1 0.93 15.81 -12.05
C5A MCY A 1 6.86 17.16 -10.52
H6 MCY A 1 4.97 16.36 -12.23
HN41 MCY A 1 9.11 16.38 -10.30
HN42 MCY A 1 10.05 15.21 -11.20
H1' MCY A 1 5.17 14.26 -15.20
H2' MCY A 1 4.71 12.92 -12.76
H2'' MCY A 1 3.93 12.56 -14.34
H3' MCY A 1 2.88 13.99 -11.98
H4' MCY A 1 1.89 15.13 -14.50
H5' MCY A 1 2.90 16.40 -11.93
H5'' MCY A 1 1.93 17.19 -13.20
HO5' MCY A 1 0.83 14.87 -12.24
H5A1 MCY A 1 7.53 17.99 -10.75
H5A2 MCY A 1 7.14 16.72 -9.57
H5A3 MCY A 1 5.83 17.52 -10.47
N1 MCY B 1 -11.70 -14.32 9.70
C2 MCY B 1 -11.33 -13.81 10.93
N3 MCY B 1 -10.22 -14.33 11.52
C4 MCY B 1 -9.50 -15.30 10.93
C5 MCY B 1 -9.87 -15.79 9.73
C6 MCY B 1 -10.96 -15.31 9.12
O2 MCY B 1 -11.98 -12.91 11.47
N4 MCY B 1 -8.40 -15.76 11.52
C1' MCY B 1 -12.86 -13.72 9.02
C2' MCY B 1 -12.43 -12.50 8.23
C3' MCY B 1 -12.54 -12.87 6.77
C4' MCY B 1 -13.39 -14.14 6.74
O4' MCY B 1 -13.45 -14.66 8.10
O3' MCY B 1 -13.15 -11.83 6.01
C5' MCY B 1 -12.79 -15.17 5.79
O5' MCY B 1 -12.67 -14.64 4.47
C5A MCY B 1 -9.06 -16.91 9.07
H6 MCY B 1 -11.27 -15.70 8.15
HN41 MCY B 1 -7.84 -16.48 11.08
HN42 MCY B 1 -8.12 -15.38 12.42
H1' MCY B 1 -13.59 -13.43 9.77
H2' MCY B 1 -11.39 -12.23 8.47
H2'' MCY B 1 -13.08 -11.65 8.45
H3' MCY B 1 -11.55 -13.10 6.38
H4' MCY B 1 -14.39 -13.89 6.41
H5' MCY B 1 -11.80 -15.45 6.15
H5'' MCY B 1 -13.43 -16.05 5.77
HO5' MCY B 1 -12.75 -13.69 4.54
H5A1 MCY B 1 -9.10 -17.80 9.68
H5A2 MCY B 1 -8.03 -16.58 8.96
H5A3 MCY B 1 -9.48 -17.12 8.08
N1 MCY C 1 12.49 12.47 -11.21
C2 MCY C 1 11.50 13.43 -11.25
N3 MCY C 1 10.63 13.38 -12.28
C4 MCY C 1 10.71 12.42 -13.24
C5 MCY C 1 11.68 11.50 -13.18
C6 MCY C 1 12.57 11.52 -12.17
O2 MCY C 1 11.43 14.30 -10.38
N4 MCY C 1 9.81 12.40 -14.22
C1' MCY C 1 13.41 12.47 -10.05
C2' MCY C 1 12.79 11.70 -8.89
C3' MCY C 1 13.59 10.44 -8.75
C4' MCY C 1 14.86 10.66 -9.55
O4' MCY C 1 14.66 11.83 -10.38
O3' MCY C 1 13.88 10.15 -7.37
C5' MCY C 1 15.20 9.44 -10.39
O5' MCY C 1 15.34 8.27 -9.57
C5A MCY C 1 11.78 10.42 -14.27
H6 MCY C 1 13.35 10.77 -12.13
HN41 MCY C 1 9.86 11.67 -14.93
HN42 MCY C 1 9.08 13.10 -14.26
H1' MCY C 1 13.60 13.50 -9.75
H2' MCY C 1 11.74 11.48 -9.11
H2'' MCY C 1 12.86 12.30 -7.98
H3' MCY C 1 13.03 9.62 -9.19
H4' MCY C 1 15.69 10.86 -8.86
H5' MCY C 1 14.40 9.27 -11.11
H5'' MCY C 1 16.13 9.61 -10.93
HO5' MCY C 1 14.94 8.48 -8.72
H5A1 MCY C 1 11.99 10.90 -15.23
H5A2 MCY C 1 10.85 9.88 -14.32
H5A3 MCY C 1 12.59 9.74 -14.02
N1 MCY D 1 -6.78 -13.03 14.88
C2 MCY D 1 -7.34 -13.82 13.91
N3 MCY D 1 -8.62 -13.56 13.55
C4 MCY D 1 -9.33 -12.56 14.13
C5 MCY D 1 -8.76 -11.80 15.09
C6 MCY D 1 -7.50 -12.03 15.46
O2 MCY D 1 -6.70 -14.73 13.38
N4 MCY D 1 -10.58 -12.32 13.73
C1' MCY D 1 -5.36 -13.27 15.24
C2' MCY D 1 -4.45 -12.52 14.29
C3' MCY D 1 -3.83 -11.41 15.08
C4' MCY D 1 -4.07 -11.75 16.54
O4' MCY D 1 -5.08 -12.80 16.58
O3' MCY D 1 -2.43 -11.29 14.79
C5' MCY D 1 -4.51 -10.53 17.32
O5' MCY D 1 -3.55 -9.47 17.21
C5A MCY D 1 -9.57 -10.68 15.76
H6 MCY D 1 -7.04 -11.42 16.24
HN41 MCY D 1 -11.10 -11.57 14.15
HN42 MCY D 1 -11.00 -12.90 13.01
H1' MCY D 1 -5.16 -14.34 15.19
H2' MCY D 1 -5.03 -12.11 13.45
H2'' MCY D 1 -3.68 -13.18 13.91
H3' MCY D 1 -4.33 -10.47 14.84
H4' MCY D 1 -3.15 -12.14 16.97
H5' MCY D 1 -5.47 -10.17 16.94
H5'' MCY D 1 -4.62 -10.79 18.37
HO5' MCY D 1 -2.97 -9.70 16.47
H5A1 MCY D 1 -10.40 -11.12 16.31
H5A2 MCY D 1 -9.95 -10.01 14.99
H5A3 MCY D 1 -8.93 -10.13 16.44
N1 MCY A 1 6.57 15.10 -14.56
C2 MCY A 1 7.81 14.53 -14.57
N3 MCY A 1 8.72 14.99 -13.67
C4 MCY A 1 8.41 15.96 -12.79
C5 MCY A 1 7.17 16.51 -12.79
C6 MCY A 1 6.26 16.08 -13.67
O2 MCY A 1 8.09 13.65 -15.37
N4 MCY A 1 9.32 16.36 -11.90
C1' MCY A 1 5.55 14.58 -15.49
C2' MCY A 1 4.79 13.43 -14.86
C3' MCY A 1 3.40 13.95 -14.57
C4' MCY A 1 3.29 15.26 -15.32
O4' MCY A 1 4.59 15.61 -15.83
O3' MCY A 1 2.41 13.01 -15.02
C5' MCY A 1 2.76 16.37 -14.40
O5' MCY A 1 3.15 16.16 -13.03
C5A MCY A 1 6.83 17.62 -11.80
H6 MCY A 1 5.27 16.53 -13.68
HN41 MCY A 1 9.08 17.08 -11.22
HN42 MCY A 1 10.23 15.95 -11.90
H1' MCY A 1 6.05 14.23 -16.40
H2' MCY A 1 5.28 13.12 -13.93
H2'' MCY A 1 4.74 12.59 -15.55
H3' MCY A 1 3.29 14.11 -13.50
H4' MCY A 1 2.59 15.15 -16.15
H5' MCY A 1 3.16 17.32 -14.73
H5'' MCY A 1 1.67 16.39 -14.45
HO5' MCY A 1 2.49 16.58 -12.48
H5A1 MCY A 1 7.14 17.32 -10.79
H5A2 MCY A 1 5.75 17.79 -11.80
H5A3 MCY A 1 7.34 18.53 -12.09
N1 MCY B 1 -12.57 -14.51 10.69
C2 MCY B 1 -12.02 -14.13 11.89
N3 MCY B 1 -10.90 -14.78 12.29
C4 MCY B 1 -10.34 -15.76 11.56
C5 MCY B 1 -10.90 -16.12 10.39
C6 MCY B 1 -12.01 -15.51 9.95
O2 MCY B 1 -12.53 -13.23 12.56
N4 MCY B 1 -9.22 -16.35 11.98
C1' MCY B 1 -13.76 -13.78 10.21
C2' MCY B 1 -13.32 -12.58 9.38
C3' MCY B 1 -13.67 -12.89 7.95
C4' MCY B 1 -14.57 -14.12 8.01
O4' MCY B 1 -14.58 -14.62 9.37
O3' MCY B 1 -14.33 -11.79 7.32
C5' MCY B 1 -14.10 -15.21 7.04
O5' MCY B 1 -12.68 -15.17 6.85
C5A MCY B 1 -10.28 -17.25 9.55
H6 MCY B 1 -12.46 -15.80 9.00
HN41 MCY B 1 -8.79 -17.07 11.41
HN42 MCY B 1 -8.80 -16.07 12.85
H1' MCY B 1 -14.34 -13.43 11.06
H2' MCY B 1 -12.24 -12.42 9.48
H2'' MCY B 1 -13.86 -11.69 9.70
H3' MCY B 1 -12.75 -13.14 7.40
H4' MCY B 1 -15.59 -13.82 7.74
H5' MCY B 1 -14.38 -16.18 7.44
H5'' MCY B 1 -14.59 -15.06 6.07
HO5' MCY B 1 -12.50 -15.54 5.98
H5A1 MCY B 1 -9.20 -17.06 9.46
H5A2 MCY B 1 -10.74 -17.26 8.56
H5A3 MCY B 1 -10.44 -18.20 10.04
N1 MCY C 1 12.93 13.71 -11.31
C2 MCY C 1 11.86 14.54 -11.54
N3 MCY C 1 11.11 14.30 -12.65
C4 MCY C 1 11.40 13.29 -13.48
C5 MCY C 1 12.46 12.49 -13.24
C6 MCY C 1 13.21 12.69 -12.16
O2 MCY C 1 11.61 15.47 -10.78
N4 MCY C 1 10.62 13.05 -14.54
C1' MCY C 1 13.71 13.92 -10.07
C2' MCY C 1 13.09 13.14 -8.93
C3' MCY C 1 14.03 12.00 -8.64
C4' MCY C 1 15.32 12.31 -9.38
O4' MCY C 1 15.07 13.45 -10.25
O3' MCY C 1 14.27 11.87 -7.23
C5' MCY C 1 15.80 11.11 -10.20
O5' MCY C 1 14.70 10.28 -10.61
C5A MCY C 1 12.79 11.35 -14.19
H6 MCY C 1 14.07 12.04 -11.96
HN41 MCY C 1 10.82 12.28 -15.16
HN42 MCY C 1 9.82 13.65 -14.73
H1' MCY C 1 13.72 14.99 -9.83
H2' MCY C 1 12.11 12.76 -9.22
H2'' MCY C 1 13.01 13.78 -8.05
H3' MCY C 1 13.61 11.08 -9.03
H4' MCY C 1 16.09 12.58 -8.66
H5' MCY C 1 16.33 11.47 -11.08
H5'' MCY C 1 16.48 10.52 -9.59
HO5' MCY C 1 15.06 9.41 -10.79
H5A1 MCY C 1 11.89 10.77 -14.41
H5A2 MCY C 1 13.54 10.69 -13.75
H5A3 MCY C 1 13.17 11.76 -15.13
N1 MCY D 1 -6.89 -14.27 15.22
C2 MCY D 1 -7.63 -14.94 14.26
N3 MCY D 1 -8.90 -14.51 14.06
C4 MCY D 1 -9.43 -13.49 14.77
C5 MCY D 1 -8.68 -12.86 15.70
C6 MCY D 1 -7.42 -13.24 15.93
O2 MCY D 1 -7.14 -15.86 13.63
N4 MCY D 1 -10.67 -13.09 14.52
C1' MCY D 1 -5.47 -14.68 15.40
C2' MCY D 1 -4.57 -13.90 14.48
C3' MCY D 1 -3.78 -12.95 15.34
C4' MCY D 1 -4.01 -13.41 16.78
O4' MCY D 1 -5.04 -14.42 16.76
O3' MCY D 1 -2.39 -12.99 15.00
C5' MCY D 1 -4.41 -12.24 17.67
O5' MCY D 1 -5.14 -11.24 16.96
C5A MCY D 1 -9.29 -11.71 16.51
H6 MCY D 1 -6.82 -12.74 16.69
HN41 MCY D 1 -11.06 -12.31 15.03
HN42 MCY D 1 -11.22 -13.56 13.82
H1' MCY D 1 -5.38 -15.75 15.20
H2' MCY D 1 -5.17 -13.34 13.75
H2'' MCY D 1 -3.90 -14.58 13.96
H3' MCY D 1 -4.16 -11.95 15.22
H4' MCY D 1 -3.09 -13.85 17.16
H5' MCY D 1 -5.03 -12.62 18.49
H5'' MCY D 1 -3.51 -11.79 18.09
HO5' MCY D 1 -4.97 -10.40 17.38
H5A1 MCY D 1 -9.78 -11.01 15.82
H5A2 MCY D 1 -8.50 -11.19 17.05
H5A3 MCY D 1 -10.02 -12.11 17.20
N1 MCY A 1 6.56 15.48 -14.29
C2 MCY A 1 7.78 14.88 -14.42
N3 MCY A 1 8.76 15.26 -13.55
C4 MCY A 1 8.54 16.18 -12.59
C5 MCY A 1 7.32 16.77 -12.49
C6 MCY A 1 6.33 16.42 -13.33
O2 MCY A 1 7.99 14.04 -15.29
N4 MCY A 1 9.51 16.51 -11.75
C1' MCY A 1 5.48 15.05 -15.21
C2' MCY A 1 4.70 13.90 -14.59
C3' MCY A 1 3.33 14.44 -14.25
C4' MCY A 1 3.23 15.80 -14.93
O4' MCY A 1 4.55 16.13 -15.45
O3' MCY A 1 2.30 13.56 -14.72
C5' MCY A 1 2.77 16.87 -13.95
O5' MCY A 1 3.03 18.18 -14.45
C5A MCY A 1 7.06 17.81 -11.41
H6 MCY A 1 5.35 16.88 -13.24
HN41 MCY A 1 9.34 17.19 -11.02
HN42 MCY A 1 10.41 16.08 -11.84
H1' MCY A 1 5.91 14.72 -16.15
H2' MCY A 1 5.20 13.54 -13.69
H2'' MCY A 1 4.60 13.08 -15.31
H3' MCY A 1 3.25 14.56 -13.17
H4' MCY A 1 2.54 15.74 -15.76
H5' MCY A 1 1.69 16.76 -13.80
H5'' MCY A 1 3.29 16.74 -13.00
HO5' MCY A 1 3.74 18.10 -15.10
H5A1 MCY A 1 6.27 18.50 -11.74
H5A2 MCY A 1 7.98 18.38 -11.22
H5A3 MCY A 1 6.74 17.32 -10.49
N1 MCY B 1 -12.39 -14.90 10.54
C2 MCY B 1 -11.95 -14.48 11.77
N3 MCY B 1 -10.82 -15.06 12.26
C4 MCY B 1 -10.16 -16.01 11.57
C5 MCY B 1 -10.61 -16.42 10.36
C6 MCY B 1 -11.72 -15.87 9.85
O2 MCY B 1 -12.56 -13.61 12.39
N4 MCY B 1 -9.04 -16.53 12.07
C1' MCY B 1 -13.59 -14.25 9.98
C2' MCY B 1 -13.19 -13.04 9.15
C3' MCY B 1 -13.46 -13.39 7.71
C4' MCY B 1 -14.29 -14.67 7.75
O4' MCY B 1 -14.32 -15.15 9.10
O3' MCY B 1 -14.16 -12.34 7.04
C5' MCY B 1 -13.71 -15.73 6.81
O5' MCY B 1 -14.22 -17.03 7.11
C5A MCY B 1 -9.86 -17.50 9.58
H6 MCY B 1 -12.08 -16.19 8.87
HN41 MCY B 1 -8.54 -17.23 11.56
HN42 MCY B 1 -8.71 -16.23 12.98
H1' MCY B 1 -14.25 -13.93 10.79
H2' MCY B 1 -12.13 -12.82 9.29
H2'' MCY B 1 -13.79 -12.18 9.44
H3' MCY B 1 -12.51 -13.59 7.20
H4' MCY B 1 -15.30 -14.44 7.43
H5' MCY B 1 -13.96 -15.47 5.78
H5'' MCY B 1 -12.62 -15.74 6.92
HO5' MCY B 1 -14.53 -17.01 8.02
H5A1 MCY B 1 -10.57 -18.03 8.95
H5A2 MCY B 1 -9.40 -18.19 10.28
H5A3 MCY B 1 -9.10 -17.03 8.97
N1 MCY C 1 12.99 13.47 -11.73
C2 MCY C 1 11.98 14.39 -11.89
N3 MCY C 1 11.15 14.23 -12.95
C4 MCY C 1 11.32 13.22 -13.83
C5 MCY C 1 12.33 12.33 -13.66
C6 MCY C 1 13.16 12.45 -12.62
O2 MCY C 1 11.83 15.30 -11.08
N4 MCY C 1 10.48 13.09 -14.85
C1' MCY C 1 13.87 13.61 -10.55
C2' MCY C 1 13.31 12.82 -9.38
C3' MCY C 1 14.22 11.64 -9.17
C4' MCY C 1 15.46 11.92 -10.00
O4' MCY C 1 15.19 13.09 -10.82
O3' MCY C 1 14.56 11.47 -7.79
C5' MCY C 1 15.83 10.73 -10.87
O5' MCY C 1 16.73 11.10 -11.92
C5A MCY C 1 12.52 11.19 -14.67
H6 MCY C 1 13.97 11.75 -12.49
HN41 MCY C 1 10.59 12.32 -15.50
HN42 MCY C 1 9.73 13.75 -14.98
H1' MCY C 1 13.95 14.66 -10.28
H2' MCY C 1 12.29 12.48 -9.61
H2'' MCY C 1 13.29 13.44 -8.49
H3' MCY C 1 13.74 10.74 -9.54
H4' MCY C 1 16.30 12.15 -9.34
H5' MCY C 1 16.29 9.96 -10.25
H5'' MCY C 1 14.92 10.32 -11.32
HO5' MCY C 1 16.63 12.05 -12.05
H5A1 MCY C 1 13.57 10.90 -14.69
H5A2 MCY C 1 12.21 11.52 -15.66
H5A3 MCY C 1 11.92 10.33 -14.35
N1 MCY D 1 -7.18 -14.04 15.49
C2 MCY D 1 -7.85 -14.78 14.54
N3 MCY D 1 -9.12 -14.43 14.24
C4 MCY D 1 -9.72 -13.39 14.86
C5 MCY D 1 -9.06 -12.67 15.80
C6 MCY D 1 -7.80 -13.00 16.11
O2 MCY D 1 -7.29 -15.72 13.98
N4 MCY D 1 -10.97 -13.07 14.53
C1' MCY D 1 -5.77 -14.39 15.78
C2' MCY D 1 -4.84 -13.62 14.85
C3' MCY D 1 -4.13 -12.62 15.72
C4' MCY D 1 -4.42 -13.02 17.16
O4' MCY D 1 -5.43 -14.05 17.14
O3' MCY D 1 -2.71 -12.62 15.47
C5' MCY D 1 -4.91 -11.82 17.97
O5' MCY D 1 -5.52 -12.24 19.20
C5A MCY D 1 -9.74 -11.51 16.50
H6 MCY D 1 -7.26 -12.43 16.87
HN41 MCY D 1 -11.43 -12.28 14.98
HN42 MCY D 1 -11.46 -13.60 13.83
H1' MCY D 1 -5.64 -15.46 15.62
H2' MCY D 1 -5.43 -13.11 14.08
H2'' MCY D 1 -4.13 -14.30 14.40
H3' MCY D 1 -4.53 -11.62 15.54
H4' MCY D 1 -3.52 -13.42 17.61
H5' MCY D 1 -4.06 -11.18 18.21
H5'' MCY D 1 -5.63 -11.25 17.38
HO5' MCY D 1 -5.83 -13.14 19.07
H5A1 MCY D 1 -9.30 -11.37 17.49
H5A2 MCY D 1 -10.80 -11.71 16.61
H5A3 MCY D 1 -9.60 -10.60 15.91
N1 MCY A 1 6.53 15.68 -14.08
C2 MCY A 1 7.70 14.97 -14.29
N3 MCY A 1 8.76 15.27 -13.51
C4 MCY A 1 8.70 16.22 -12.56
C5 MCY A 1 7.55 16.92 -12.37
C6 MCY A 1 6.47 16.64 -13.12
O2 MCY A 1 7.75 14.11 -15.16
N4 MCY A 1 9.76 16.47 -11.79
C1' MCY A 1 5.33 15.32 -14.86
C2' MCY A 1 4.63 14.14 -14.21
C3' MCY A 1 3.37 14.70 -13.57
C4' MCY A 1 3.18 16.07 -14.21
O4' MCY A 1 4.40 16.41 -14.92
O3' MCY A 1 2.24 13.84 -13.79
C5' MCY A 1 2.86 17.13 -13.15
O5' MCY A 1 3.69 16.99 -11.99
C5A MCY A 1 7.48 18.01 -11.31
H6 MCY A 1 5.55 17.19 -12.96
HN41 MCY A 1 9.71 17.17 -11.07
HN42 MCY A 1 10.62 15.95 -11.93
H1' MCY A 1 5.64 15.04 -15.87
H2' MCY A 1 5.27 13.68 -13.44
H2'' MCY A 1 4.36 13.40 -14.96
H3' MCY A 1 3.56 14.82 -12.50
H4' MCY A 1 2.36 16.02 -14.92
H5' MCY A 1 3.02 18.12 -13.59
H5'' MCY A 1 1.82 17.03 -12.85
HO5' MCY A 1 3.32 17.55 -11.31
H5A1 MCY A 1 7.46 17.55 -10.32
H5A2 MCY A 1 6.58 18.60 -11.45
H5A3 MCY A 1 8.36 18.65 -11.39
N1 MCY B 1 -12.21 -15.14 10.39
C2 MCY B 1 -11.85 -14.59 11.60
N3 MCY B 1 -10.75 -15.10 12.22
C4 MCY B 1 -10.03 -16.10 11.67
C5 MCY B 1 -10.41 -16.63 10.47
C6 MCY B 1 -11.49 -16.15 9.85
O2 MCY B 1 -12.51 -13.68 12.11
N4 MCY B 1 -8.94 -16.54 12.28
C1' MCY B 1 -13.37 -14.55 9.68
C2' MCY B 1 -12.92 -13.34 8.89
C3' MCY B 1 -12.92 -13.76 7.45
C4' MCY B 1 -13.76 -15.03 7.38
O4' MCY B 1 -13.93 -15.50 8.75
O3' MCY B 1 -13.46 -12.72 6.59
C5' MCY B 1 -13.08 -16.10 6.53
O5' MCY B 1 -11.69 -16.23 6.84
C5A MCY B 1 -9.59 -17.76 9.86
H6 MCY B 1 -11.80 -16.59 8.89
HN41 MCY B 1 -8.39 -17.28 11.87
HN42 MCY B 1 -8.67 -16.14 13.17
H1' MCY B 1 -14.13 -14.26 10.41
H2' MCY B 1 -11.91 -13.03 9.19
H2'' MCY B 1 -13.62 -12.51 9.04
H3' MCY B 1 -11.90 -13.99 7.14
H4' MCY B 1 -14.74 -14.80 6.97
H5' MCY B 1 -13.58 -17.05 6.71
H5'' MCY B 1 -13.19 -15.83 5.48
HO5' MCY B 1 -11.29 -16.73 6.13
H5A1 MCY B 1 -8.66 -17.37 9.47
H5A2 MCY B 1 -10.17 -18.22 9.05
H5A3 MCY B 1 -9.38 -18.51 10.62
N1 MCY C 1 13.03 13.25 -11.92
C2 MCY C 1 12.03 14.20 -11.94
N3 MCY C 1 11.15 14.17 -12.97
C4 MCY C 1 11.24 13.25 -13.94
C5 MCY C 1 12.22 12.33 -13.93
C6 MCY C 1 13.12 12.33 -12.92
O2 MCY C 1 11.96 15.04 -11.05
N4 MCY C 1 10.33 13.24 -14.93
C1' MCY C 1 13.95 13.22 -10.77
C2' MCY C 1 13.32 12.45 -9.63
C3' MCY C 1 14.03 11.12 -9.57
C4' MCY C 1 15.31 11.32 -10.36
O4' MCY C 1 15.18 12.55 -11.11
O3' MCY C 1 14.30 10.71 -8.21
C5' MCY C 1 15.57 10.13 -11.30
O5' MCY C 1 14.39 9.76 -12.02
C5A MCY C 1 12.33 11.30 -15.04
H6 MCY C 1 13.92 11.59 -12.91
HN41 MCY C 1 10.38 12.54 -15.65
HN42 MCY C 1 9.58 13.92 -14.93
H1' MCY C 1 14.16 14.24 -10.45
H2' MCY C 1 12.24 12.29 -9.82
H2'' MCY C 1 13.45 12.98 -8.69
H3' MCY C 1 13.41 10.36 -10.05
H4' MCY C 1 16.15 11.41 -9.68
H5' MCY C 1 16.35 10.40 -12.01
H5'' MCY C 1 15.90 9.28 -10.71
HO5' MCY C 1 14.56 8.91 -12.44
H5A1 MCY C 1 11.53 10.57 -14.95
H5A2 MCY C 1 13.29 10.80 -14.98
H5A3 MCY C 1 12.26 11.81 -16.00
N1 MCY D 1 -7.32 -13.80 15.59
C2 MCY D 1 -7.85 -14.59 14.58
N3 MCY D 1 -9.14 -14.36 14.22
C4 MCY D 1 -9.87 -13.39 14.81
C5 MCY D 1 -9.33 -12.63 15.79
C6 MCY D 1 -8.07 -12.84 16.18
O2 MCY D 1 -7.18 -15.47 14.05
N4 MCY D 1 -11.13 -13.17 14.40
C1' MCY D 1 -5.90 -13.99 15.94
C2' MCY D 1 -5.02 -13.21 14.98
C3' MCY D 1 -4.51 -12.02 15.74
C4' MCY D 1 -4.75 -12.34 17.21
O4' MCY D 1 -5.62 -13.49 17.27
O3' MCY D 1 -3.13 -11.76 15.47
C5' MCY D 1 -5.37 -11.15 17.95
O5' MCY D 1 -6.41 -10.53 17.19
C5A MCY D 1 -10.17 -11.55 16.46
H6 MCY D 1 -7.65 -12.23 16.97
HN41 MCY D 1 -11.67 -12.43 14.83
HN42 MCY D 1 -11.52 -13.72 13.66
H1' MCY D 1 -5.66 -15.06 15.89
H2' MCY D 1 -5.60 -12.89 14.11
H2'' MCY D 1 -4.18 -13.83 14.65
H3' MCY D 1 -5.11 -11.14 15.47
H4' MCY D 1 -3.80 -12.60 17.68
H5' MCY D 1 -5.77 -11.50 18.90
H5'' MCY D 1 -4.59 -10.42 18.15
HO5' MCY D 1 -6.59 -9.68 17.60
H5A1 MCY D 1 -10.32 -10.71 15.77
H5A2 MCY D 1 -9.66 -11.19 17.35
H5A3 MCY D 1 -11.15 -11.95 16.74
N1 MCY A 1 6.77 15.44 -14.96
C2 MCY A 1 8.03 14.87 -14.92
N3 MCY A 1 8.91 15.36 -14.00
C4 MCY A 1 8.57 16.37 -13.17
C5 MCY A 1 7.34 16.91 -13.24
C6 MCY A 1 6.45 16.46 -14.13
O2 MCY A 1 8.33 13.96 -15.69
N4 MCY A 1 9.45 16.79 -12.27
C1' MCY A 1 5.78 14.87 -15.90
C2' MCY A 1 5.09 13.69 -15.25
C3' MCY A 1 3.71 14.16 -14.87
C4' MCY A 1 3.49 15.43 -15.68
O4' MCY A 1 4.76 15.84 -16.22
O3' MCY A 1 2.71 13.18 -15.16
C5' MCY A 1 2.88 16.53 -14.81
O5' MCY A 1 2.97 17.81 -15.44
C5A MCY A 1 6.96 18.06 -12.29
H6 MCY A 1 5.45 16.91 -14.17
HN41 MCY A 1 9.19 17.53 -11.62
HN42 MCY A 1 10.37 16.37 -12.21
H1' MCY A 1 6.29 14.56 -16.81
H2' MCY A 1 5.63 13.37 -14.36
H2'' MCY A 1 5.02 12.86 -15.96
H3' MCY A 1 3.69 14.40 -13.81
H4' MCY A 1 2.80 15.22 -16.50
H5' MCY A 1 1.83 16.31 -14.61
H5'' MCY A 1 3.42 16.57 -13.86
HO5' MCY A 1 3.63 17.74 -16.13
H5A1 MCY A 1 5.95 18.39 -12.51
H5A2 MCY A 1 7.66 18.89 -12.44
H5A3 MCY A 1 7.01 17.72 -11.26
N1 MCY B 1 -12.89 -14.85 11.04
C2 MCY B 1 -12.26 -14.46 12.20
N3 MCY B 1 -11.15 -15.13 12.57
C4 MCY B 1 -10.67 -16.16 11.84
C5 MCY B 1 -11.31 -16.53 10.71
C6 MCY B 1 -12.41 -15.89 10.32
O2 MCY B 1 -12.70 -13.52 12.87
N4 MCY B 1 -9.55 -16.78 12.22
C1' MCY B 1 -14.07 -14.07 10.59
C2' MCY B 1 -13.60 -12.87 9.78
C3' MCY B 1 -13.89 -13.19 8.34
C4' MCY B 1 -14.88 -14.34 8.37
O4' MCY B 1 -14.91 -14.87 9.72
O3' MCY B 1 -14.42 -12.05 7.65
C5' MCY B 1 -14.49 -15.43 7.37
O5' MCY B 1 -15.20 -16.64 7.62
C5A MCY B 1 -10.77 -17.71 9.88
H6 MCY B 1 -12.93 -16.20 9.41
HN41 MCY B 1 -9.18 -17.54 11.67
HN42 MCY B 1 -9.08 -16.48 13.06
H1' MCY B 1 -14.64 -13.75 11.45
H2' MCY B 1 -12.53 -12.70 9.94
H2'' MCY B 1 -14.16 -11.98 10.09
H3' MCY B 1 -12.97 -13.52 7.86
H4' MCY B 1 -15.87 -13.96 8.12
H5' MCY B 1 -14.73 -15.07 6.37
H5'' MCY B 1 -13.42 -15.61 7.44
HO5' MCY B 1 -15.54 -16.60 8.51
H5A1 MCY B 1 -11.44 -17.89 9.05
H5A2 MCY B 1 -10.72 -18.60 10.51
H5A3 MCY B 1 -9.78 -17.47 9.51
N1 MCY C 1 13.16 14.14 -11.63
C2 MCY C 1 12.03 14.90 -11.85
N3 MCY C 1 11.30 14.63 -12.96
C4 MCY C 1 11.66 13.66 -13.83
C5 MCY C 1 12.77 12.92 -13.59
C6 MCY C 1 13.52 13.17 -12.51
O2 MCY C 1 11.71 15.79 -11.07
N4 MCY C 1 10.91 13.40 -14.90
C1' MCY C 1 13.92 14.37 -10.39
C2' MCY C 1 13.31 13.57 -9.25
C3' MCY C 1 14.23 12.40 -9.01
C4' MCY C 1 15.55 12.77 -9.68
O4' MCY C 1 15.30 13.92 -10.54
O3' MCY C 1 14.41 12.16 -7.61
C5' MCY C 1 16.09 11.60 -10.49
O5' MCY C 1 17.13 12.03 -11.39
C5A MCY C 1 13.19 11.83 -14.58
H6 MCY C 1 14.42 12.58 -12.32
HN41 MCY C 1 11.16 12.66 -15.53
HN42 MCY C 1 10.07 13.94 -15.06
H1' MCY C 1 13.91 15.44 -10.14
H2' MCY C 1 12.31 13.21 -9.54
H2'' MCY C 1 13.24 14.19 -8.35
H3' MCY C 1 13.81 11.52 -9.49
H4' MCY C 1 16.27 13.05 -8.92
H5' MCY C 1 16.49 10.86 -9.81
H5'' MCY C 1 15.28 11.16 -11.08
HO5' MCY C 1 17.05 12.98 -11.49
H5A1 MCY C 1 14.13 11.39 -14.25
H5A2 MCY C 1 13.33 12.27 -15.57
H5A3 MCY C 1 12.42 11.07 -14.62
N1 MCY D 1 -7.11 -14.73 15.53
C2 MCY D 1 -7.87 -15.31 14.55
N3 MCY D 1 -9.13 -14.85 14.37
C4 MCY D 1 -9.64 -13.85 15.14
C5 MCY D 1 -8.87 -13.30 16.11
C6 MCY D 1 -7.62 -13.74 16.30
O2 MCY D 1 -7.42 -16.22 13.85
N4 MCY D 1 -10.87 -13.41 14.93
C1' MCY D 1 -5.71 -15.16 15.67
C2' MCY D 1 -4.82 -14.40 14.71
C3' MCY D 1 -4.08 -13.37 15.53
C4' MCY D 1 -4.21 -13.85 16.98
O4' MCY D 1 -5.21 -14.89 17.01
O3' MCY D 1 -2.71 -13.27 15.14
C5' MCY D 1 -4.58 -12.70 17.91
O5' MCY D 1 -5.03 -13.17 19.18
C5A MCY D 1 -9.44 -12.19 16.99
H6 MCY D 1 -7.01 -13.29 17.09
HN41 MCY D 1 -11.24 -12.66 15.49
HN42 MCY D 1 -11.44 -13.82 14.20
H1' MCY D 1 -5.63 -16.23 15.47
H2' MCY D 1 -5.44 -13.89 13.95
H2'' MCY D 1 -4.11 -15.07 14.22
H3' MCY D 1 -4.57 -12.41 15.44
H4' MCY D 1 -3.26 -14.28 17.30
H5' MCY D 1 -3.70 -12.07 18.05
H5'' MCY D 1 -5.37 -12.11 17.45
HO5' MCY D 1 -5.29 -14.10 19.06
H5A1 MCY D 1 -8.69 -11.90 17.73
H5A2 MCY D 1 -10.33 -12.55 17.49
H5A3 MCY D 1 -9.69 -11.33 16.37
N1 MCY A 1 6.87 15.53 -15.07
C2 MCY A 1 8.14 14.98 -15.05
N3 MCY A 1 9.01 15.46 -14.13
C4 MCY A 1 8.67 16.44 -13.26
C5 MCY A 1 7.42 16.97 -13.31
C6 MCY A 1 6.54 16.52 -14.21
O2 MCY A 1 8.45 14.08 -15.83
N4 MCY A 1 9.55 16.87 -12.36
C1' MCY A 1 5.89 14.98 -16.04
C2' MCY A 1 5.18 13.78 -15.42
C3' MCY A 1 3.77 14.22 -15.15
C4' MCY A 1 3.59 15.55 -15.88
O4' MCY A 1 4.89 15.97 -16.36
O3' MCY A 1 2.83 13.24 -15.62
C5' MCY A 1 3.00 16.59 -14.94
O5' MCY A 1 1.61 16.36 -14.69
C5A MCY A 1 7.03 18.09 -12.34
H6 MCY A 1 5.53 16.95 -14.23
HN41 MCY A 1 9.28 17.59 -11.70
HN42 MCY A 1 10.47 16.46 -12.34
H1' MCY A 1 6.42 14.69 -16.94
H2' MCY A 1 5.67 13.48 -14.50
H2'' MCY A 1 5.19 12.95 -16.14
H3' MCY A 1 3.64 14.37 -14.07
H4' MCY A 1 2.92 15.41 -16.72
H5' MCY A 1 3.53 16.59 -13.99
H5'' MCY A 1 3.11 17.58 -15.40
HO5' MCY A 1 1.12 16.72 -15.44
H5A1 MCY A 1 6.82 17.66 -11.36
H5A2 MCY A 1 6.15 18.60 -12.71
H5A3 MCY A 1 7.86 18.80 -12.24
N1 MCY B 1 -12.94 -14.95 11.16
C2 MCY B 1 -12.33 -14.57 12.34
N3 MCY B 1 -11.21 -15.24 12.71
C4 MCY B 1 -10.71 -16.24 11.95
C5 MCY B 1 -11.32 -16.60 10.80
C6 MCY B 1 -12.43 -15.96 10.42
O2 MCY B 1 -12.78 -13.66 13.02
N4 MCY B 1 -9.59 -16.86 12.34
C1' MCY B 1 -14.13 -14.19 10.73
C2' MCY B 1 -13.70 -12.98 9.92
C3' MCY B 1 -14.10 -13.24 8.49
C4' MCY B 1 -15.01 -14.47 8.53
O4' MCY B 1 -14.98 -15.00 9.88
O3' MCY B 1 -14.77 -12.12 7.91
C5' MCY B 1 -14.55 -15.52 7.52
O5' MCY B 1 -14.85 -15.12 6.18
C5A MCY B 1 -10.76 -17.74 9.96
H6 MCY B 1 -12.93 -16.26 9.49
HN41 MCY B 1 -9.21 -17.60 11.77
HN42 MCY B 1 -9.13 -16.58 13.19
H1' MCY B 1 -14.70 -13.88 11.60
H2' MCY B 1 -12.62 -12.83 9.99
H2'' MCY B 1 -14.22 -12.08 10.29
H3' MCY B 1 -13.21 -13.48 7.91
H4' MCY B 1 -16.03 -14.16 8.30
H5' MCY B 1 -13.48 -15.67 7.62
H5'' MCY B 1 -15.06 -16.46 7.74
HO5' MCY B 1 -15.75 -15.39 6.00
H5A1 MCY B 1 -9.91 -17.38 9.39
H5A2 MCY B 1 -11.53 -18.10 9.28
H5A3 MCY B 1 -10.45 -18.56 10.61
N1 MCY C 1 13.24 14.27 -11.71
C2 MCY C 1 12.14 15.07 -11.95
N3 MCY C 1 11.41 14.80 -13.07
C4 MCY C 1 11.74 13.80 -13.90
C5 MCY C 1 12.82 13.03 -13.65
C6 MCY C 1 13.57 13.27 -12.56
O2 MCY C 1 11.84 15.98 -11.18
N4 MCY C 1 10.98 13.55 -14.96
C1' MCY C 1 14.02 14.52 -10.48
C2' MCY C 1 13.41 13.75 -9.31
C3' MCY C 1 14.35 12.65 -8.98
C4' MCY C 1 15.65 12.96 -9.74
O4' MCY C 1 15.38 14.07 -10.63
O3' MCY C 1 14.60 12.56 -7.57
C5' MCY C 1 16.13 11.75 -10.52
O5' MCY C 1 16.68 10.74 -9.66
C5A MCY C 1 13.20 11.90 -14.61
H6 MCY C 1 14.44 12.65 -12.37
HN41 MCY C 1 11.21 12.79 -15.58
HN42 MCY C 1 10.16 14.12 -15.15
H1' MCY C 1 14.01 15.60 -10.26
H2' MCY C 1 12.43 13.34 -9.60
H2'' MCY C 1 13.28 14.42 -8.45
H3' MCY C 1 13.95 11.69 -9.34
H4' MCY C 1 16.42 13.25 -9.02
H5' MCY C 1 15.28 11.31 -11.07
H5'' MCY C 1 16.89 12.06 -11.23
HO5' MCY C 1 17.59 10.99 -9.50
H5A1 MCY C 1 12.54 11.05 -14.44
H5A2 MCY C 1 14.23 11.60 -14.43
H5A3 MCY C 1 13.10 12.25 -15.64
N1 MCY D 1 -7.15 -14.86 15.63
C2 MCY D 1 -7.93 -15.48 14.68
N3 MCY D 1 -9.20 -15.02 14.50
C4 MCY D 1 -9.68 -13.99 15.23
C5 MCY D 1 -8.90 -13.40 16.16
C6 MCY D 1 -7.65 -13.83 16.36
O2 MCY D 1 -7.48 -16.42 14.01
N4 MCY D 1 -10.92 -13.55 15.00
C1' MCY D 1 -5.75 -15.32 15.80
C2' MCY D 1 -4.85 -14.59 14.82
C3' MCY D 1 -4.01 -13.65 15.63
C4' MCY D 1 -4.22 -14.06 17.08
O4' MCY D 1 -5.28 -15.03 17.13
O3' MCY D 1 -2.63 -13.73 15.26
C5' MCY D 1 -4.55 -12.85 17.95
O5' MCY D 1 -3.41 -12.02 18.17
C5A MCY D 1 -9.46 -12.24 16.98
H6 MCY D 1 -7.03 -13.35 17.12
HN41 MCY D 1 -11.28 -12.78 15.54
HN42 MCY D 1 -11.49 -14.00 14.31
H1' MCY D 1 -5.71 -16.39 15.62
H2' MCY D 1 -5.45 -14.04 14.09
H2'' MCY D 1 -4.21 -15.32 14.30
H3' MCY D 1 -4.37 -12.63 15.49
H4' MCY D 1 -3.29 -14.52 17.46
H5' MCY D 1 -5.32 -12.26 17.46
H5'' MCY D 1 -4.93 -13.20 18.92
HO5' MCY D 1 -2.90 -12.41 18.89
H5A1 MCY D 1 -9.45 -11.33 16.40
H5A2 MCY D 1 -8.84 -12.11 17.88
H5A3 MCY D 1 -10.48 -12.47 17.29
N1 MCY A 1 6.83 15.32 -15.04
C2 MCY A 1 8.09 14.77 -14.93
N3 MCY A 1 8.94 15.34 -14.03
C4 MCY A 1 8.58 16.39 -13.28
C5 MCY A 1 7.33 16.92 -13.42
C6 MCY A 1 6.47 16.38 -14.29
O2 MCY A 1 8.43 13.81 -15.62
N4 MCY A 1 9.41 16.89 -12.37
C1' MCY A 1 5.87 14.66 -15.96
C2' MCY A 1 5.23 13.46 -15.27
C3' MCY A 1 3.83 13.88 -14.92
C4' MCY A 1 3.55 15.12 -15.75
O4' MCY A 1 4.80 15.57 -16.31
O3' MCY A 1 2.88 12.83 -15.17
C5' MCY A 1 2.92 16.22 -14.89
O5' MCY A 1 3.55 16.33 -13.62
C5A MCY A 1 6.92 18.14 -12.59
H6 MCY A 1 5.47 16.81 -14.40
HN41 MCY A 1 9.13 17.67 -11.79
HN42 MCY A 1 10.34 16.49 -12.27
H1' MCY A 1 6.39 14.34 -16.86
H2' MCY A 1 5.80 13.21 -14.36
H2'' MCY A 1 5.21 12.62 -15.95
H3' MCY A 1 3.80 14.16 -13.85
H4' MCY A 1 2.86 14.87 -16.56
H5' MCY A 1 3.02 17.18 -15.42
H5'' MCY A 1 1.86 16.00 -14.75
HO5' MCY A 1 3.26 17.15 -13.22
H5A1 MCY A 1 6.08 18.65 -13.07
H5A2 MCY A 1 7.77 18.83 -12.51
H5A3 MCY A 1 6.62 17.81 -11.59
N1 MCY B 1 -12.88 -14.76 11.12
C2 MCY B 1 -12.20 -14.40 12.26
N3 MCY B 1 -11.12 -15.15 12.60
C4 MCY B 1 -10.72 -16.21 11.86
C5 MCY B 1 -11.41 -16.55 10.75
C6 MCY B 1 -12.49 -15.83 10.37
O2 MCY B 1 -12.56 -13.44 12.93
N4 MCY B 1 -9.64 -16.89 12.22
C1' MCY B 1 -14.01 -13.90 10.69
C2' MCY B 1 -13.49 -12.69 9.93
C3' MCY B 1 -13.81 -12.94 8.48
C4' MCY B 1 -14.84 -14.05 8.47
O4' MCY B 1 -14.90 -14.62 9.80
O3' MCY B 1 -14.28 -11.75 7.83
C5' MCY B 1 -14.49 -15.12 7.44
O5' MCY B 1 -13.10 -15.42 7.45
C5A MCY B 1 -10.98 -17.75 9.92
H6 MCY B 1 -13.03 -16.10 9.48
HN41 MCY B 1 -9.33 -17.67 11.65
HN42 MCY B 1 -9.13 -16.63 13.04
H1' MCY B 1 -14.56 -13.58 11.57
H2' MCY B 1 -12.40 -12.61 10.07
H2'' MCY B 1 -13.99 -11.79 10.27
H3' MCY B 1 -12.90 -13.30 7.97
H4' MCY B 1 -15.82 -13.63 8.22
H5' MCY B 1 -15.05 -16.02 7.66
H5'' MCY B 1 -14.77 -14.76 6.45
HO5' MCY B 1 -12.97 -16.23 6.94
H5A1 MCY B 1 -11.82 -18.10 9.31
H5A2 MCY B 1 -10.66 -18.56 10.59
H5A3 MCY B 1 -10.15 -17.47 9.26
N1 MCY C 1 13.11 14.22 -11.55
C2 MCY C 1 11.97 14.96 -11.84
N3 MCY C 1 11.32 14.68 -12.99
C4 MCY C 1 11.76 13.74 -13.84
C5 MCY C 1 12.89 13.04 -13.56
C6 MCY C 1 13.55 13.28 -12.43
O2 MCY C 1 11.57 15.82 -11.05
N4 MCY C 1 11.07 13.47 -14.95
C1' MCY C 1 13.78 14.45 -10.26
C2' MCY C 1 13.09 13.67 -9.16
C3' MCY C 1 13.99 12.51 -8.84
C4' MCY C 1 15.34 12.86 -9.44
O4' MCY C 1 15.16 14.00 -10.30
O3' MCY C 1 14.07 12.27 -7.42
C5' MCY C 1 15.91 11.67 -10.22
O5' MCY C 1 14.91 11.01 -11.00
C5A MCY C 1 13.40 11.98 -14.54
H6 MCY C 1 14.45 12.72 -12.19
HN41 MCY C 1 11.38 12.75 -15.59
HN42 MCY C 1 10.22 13.99 -15.16
H1' MCY C 1 13.76 15.52 -10.02
H2' MCY C 1 12.11 13.30 -9.52
H2'' MCY C 1 12.95 14.30 -8.28
H3' MCY C 1 13.61 11.61 -9.33
H4' MCY C 1 16.03 13.12 -8.64
H5' MCY C 1 16.70 12.03 -10.88
H5'' MCY C 1 16.34 10.96 -9.51
HO5' MCY C 1 15.36 10.45 -11.63
H5A1 MCY C 1 14.45 11.80 -14.35
H5A2 MCY C 1 13.27 12.34 -15.57
H5A3 MCY C 1 12.84 11.06 -14.41
N1 MCY D 1 -7.07 -14.78 15.44
C2 MCY D 1 -7.88 -15.32 14.46
N3 MCY D 1 -9.16 -14.86 14.38
C4 MCY D 1 -9.62 -13.92 15.23
C5 MCY D 1 -8.81 -13.41 16.18
C6 MCY D 1 -7.55 -13.84 16.29
O2 MCY D 1 -7.45 -16.18 13.70
N4 MCY D 1 -10.87 -13.47 15.09
C1' MCY D 1 -5.66 -15.22 15.49
C2' MCY D 1 -4.84 -14.44 14.46
C3' MCY D 1 -4.02 -13.45 15.25
C4' MCY D 1 -4.06 -13.94 16.69
O4' MCY D 1 -5.08 -14.96 16.79
O3' MCY D 1 -2.68 -13.35 14.76
C5' MCY D 1 -4.37 -12.78 17.64
O5' MCY D 1 -5.40 -11.93 17.13
C5A MCY D 1 -9.34 -12.36 17.16
H6 MCY D 1 -6.90 -13.43 17.06
HN41 MCY D 1 -11.21 -12.75 15.71
HN42 MCY D 1 -11.47 -13.85 14.37
H1' MCY D 1 -5.60 -16.28 15.27
H2' MCY D 1 -5.50 -13.92 13.77
H2'' MCY D 1 -4.19 -15.12 13.92
H3' MCY D 1 -4.51 -12.47 15.20
H4' MCY D 1 -3.10 -14.36 16.96
H5' MCY D 1 -4.70 -13.19 18.60
H5'' MCY D 1 -3.47 -12.19 17.81
HO5' MCY D 1 -5.70 -11.37 17.85
H5A1 MCY D 1 -8.73 -12.35 18.05
H5A2 MCY D 1 -10.37 -12.61 17.43
H5A3 MCY D 1 -9.33 -11.38 16.68
#